data_8CK7
#
_entry.id   8CK7
#
_cell.length_a   108.910
_cell.length_b   108.910
_cell.length_c   43.350
_cell.angle_alpha   90.00
_cell.angle_beta   90.00
_cell.angle_gamma   120.00
#
_symmetry.space_group_name_H-M   'P 64'
#
loop_
_entity.id
_entity.type
_entity.pdbx_description
1 polymer Avidin
2 non-polymer GLYCEROL
3 non-polymer 2-acetamido-2-deoxy-beta-D-glucopyranose
4 non-polymer THEOPHYLLINE
5 non-polymer 'SULFATE ION'
6 water water
#
_entity_poly.entity_id   1
_entity_poly.type   'polypeptide(L)'
_entity_poly.pdbx_seq_one_letter_code
;ARKCSLTGKWTNDLGSNMTIGAVNSRGEFTGTYTTAVTATSNEIKESPLHGTQNTINKRTQPTFGFTVNWKFSESTTVFT
GQCFIDRNGKEVLKTMWLLRSSVNDIGDDWKATRVGINIFTRLR
;
_entity_poly.pdbx_strand_id   A,B
#
# COMPACT_ATOMS: atom_id res chain seq x y z
N ALA A 1 -18.52 8.73 -20.48
CA ALA A 1 -18.20 7.40 -19.85
C ALA A 1 -18.46 7.49 -18.34
N ARG A 2 -18.73 6.36 -17.71
CA ARG A 2 -18.83 6.36 -16.26
C ARG A 2 -17.49 6.77 -15.66
N LYS A 3 -17.55 7.33 -14.45
CA LYS A 3 -16.39 7.41 -13.58
C LYS A 3 -16.25 6.06 -12.88
N CYS A 4 -15.01 5.62 -12.64
CA CYS A 4 -14.79 4.42 -11.84
C CYS A 4 -14.60 4.89 -10.40
N SER A 5 -15.37 4.32 -9.49
CA SER A 5 -15.38 4.77 -8.11
C SER A 5 -14.90 3.64 -7.22
N LEU A 6 -14.06 3.92 -6.22
CA LEU A 6 -13.58 2.90 -5.28
C LEU A 6 -14.67 2.49 -4.27
N THR A 7 -15.63 3.38 -3.99
CA THR A 7 -16.55 3.21 -2.87
C THR A 7 -17.50 2.06 -3.15
N GLY A 8 -17.59 1.11 -2.21
CA GLY A 8 -18.46 -0.02 -2.43
C GLY A 8 -17.91 -1.31 -1.80
N LYS A 9 -18.64 -2.40 -2.02
CA LYS A 9 -18.20 -3.73 -1.63
C LYS A 9 -17.77 -4.47 -2.90
N TRP A 10 -16.66 -5.22 -2.79
CA TRP A 10 -15.92 -5.79 -3.92
C TRP A 10 -15.63 -7.25 -3.60
N THR A 11 -15.54 -8.09 -4.63
CA THR A 11 -15.04 -9.44 -4.43
C THR A 11 -13.94 -9.73 -5.46
N ASN A 12 -12.97 -10.58 -5.12
CA ASN A 12 -11.89 -10.86 -6.07
C ASN A 12 -11.96 -12.29 -6.56
N ASP A 13 -10.94 -12.68 -7.33
CA ASP A 13 -10.79 -13.93 -8.07
C ASP A 13 -10.62 -15.11 -7.09
N LEU A 14 -10.08 -14.82 -5.91
CA LEU A 14 -9.82 -15.81 -4.89
C LEU A 14 -11.02 -15.95 -3.95
N GLY A 15 -12.05 -15.11 -4.08
CA GLY A 15 -13.19 -15.21 -3.17
C GLY A 15 -13.08 -14.30 -1.94
N SER A 16 -11.95 -13.58 -1.78
CA SER A 16 -11.89 -12.55 -0.75
C SER A 16 -12.87 -11.41 -1.02
N ASN A 17 -13.36 -10.75 0.03
CA ASN A 17 -14.18 -9.56 -0.17
C ASN A 17 -13.53 -8.33 0.46
N MET A 18 -13.97 -7.16 0.01
CA MET A 18 -13.40 -5.95 0.55
C MET A 18 -14.48 -4.86 0.55
N THR A 19 -14.53 -4.02 1.59
CA THR A 19 -15.37 -2.83 1.53
C THR A 19 -14.45 -1.61 1.55
N ILE A 20 -14.86 -0.55 0.84
CA ILE A 20 -14.20 0.73 0.85
C ILE A 20 -15.26 1.79 1.08
N GLY A 21 -15.03 2.71 2.04
CA GLY A 21 -16.00 3.76 2.33
C GLY A 21 -15.82 4.95 1.39
N ALA A 22 -16.47 6.08 1.76
CA ALA A 22 -16.39 7.31 0.98
C ALA A 22 -14.92 7.75 0.86
N VAL A 23 -14.57 8.33 -0.27
CA VAL A 23 -13.24 8.87 -0.49
C VAL A 23 -13.30 10.39 -0.21
N ASN A 24 -12.42 10.92 0.65
CA ASN A 24 -12.53 12.33 1.01
C ASN A 24 -11.79 13.14 -0.04
N SER A 25 -11.87 14.48 0.08
CA SER A 25 -11.45 15.38 -0.98
C SER A 25 -9.92 15.35 -1.10
N ARG A 26 -9.26 14.92 -0.02
CA ARG A 26 -7.85 14.57 -0.08
C ARG A 26 -7.59 13.18 -0.70
N GLY A 27 -8.63 12.48 -1.17
CA GLY A 27 -8.44 11.18 -1.82
C GLY A 27 -8.29 9.99 -0.84
N GLU A 28 -8.45 10.26 0.47
CA GLU A 28 -8.24 9.24 1.50
C GLU A 28 -9.49 8.39 1.70
N PHE A 29 -9.29 7.10 2.05
CA PHE A 29 -10.38 6.18 2.32
C PHE A 29 -9.95 5.14 3.35
N THR A 30 -10.96 4.53 3.98
CA THR A 30 -10.80 3.39 4.86
C THR A 30 -11.65 2.24 4.33
N GLY A 31 -11.39 1.04 4.79
CA GLY A 31 -12.16 -0.11 4.32
C GLY A 31 -11.93 -1.32 5.21
N THR A 32 -12.47 -2.48 4.82
CA THR A 32 -12.16 -3.73 5.50
C THR A 32 -11.85 -4.80 4.46
N TYR A 33 -11.09 -5.83 4.87
CA TYR A 33 -10.70 -6.88 3.95
C TYR A 33 -11.04 -8.22 4.61
N THR A 34 -11.85 -9.05 3.97
CA THR A 34 -12.28 -10.31 4.54
C THR A 34 -11.75 -11.47 3.70
N THR A 35 -10.71 -12.15 4.16
CA THR A 35 -9.90 -12.92 3.22
C THR A 35 -10.38 -14.36 3.10
N ALA A 36 -10.25 -14.91 1.88
CA ALA A 36 -10.68 -16.31 1.64
C ALA A 36 -9.65 -17.31 2.18
N VAL A 37 -8.35 -17.13 1.91
CA VAL A 37 -7.33 -18.14 2.31
C VAL A 37 -6.31 -17.52 3.28
N THR A 38 -5.10 -18.07 3.38
CA THR A 38 -4.04 -17.47 4.24
C THR A 38 -2.71 -18.22 4.06
N ALA A 39 -1.59 -17.51 4.16
CA ALA A 39 -0.29 -18.15 4.06
C ALA A 39 0.18 -18.66 5.43
N THR A 40 -0.66 -18.44 6.46
CA THR A 40 -0.39 -18.85 7.84
C THR A 40 -1.30 -20.04 8.19
N SER A 41 -0.97 -20.82 9.23
CA SER A 41 -1.92 -21.80 9.72
C SER A 41 -2.83 -21.16 10.79
N ASN A 42 -3.14 -19.88 10.56
CA ASN A 42 -4.04 -19.11 11.40
C ASN A 42 -5.32 -18.80 10.63
N GLU A 43 -6.39 -18.65 11.40
CA GLU A 43 -7.70 -18.47 10.75
C GLU A 43 -7.77 -17.05 10.26
N ILE A 44 -8.68 -16.80 9.34
CA ILE A 44 -8.73 -15.45 8.73
C ILE A 44 -9.80 -14.62 9.45
N LYS A 45 -10.29 -13.56 8.80
CA LYS A 45 -11.21 -12.65 9.49
C LYS A 45 -11.41 -11.37 8.72
N GLU A 46 -11.83 -10.35 9.42
CA GLU A 46 -11.84 -9.04 8.82
C GLU A 46 -10.66 -8.24 9.38
N SER A 47 -10.00 -7.51 8.50
CA SER A 47 -8.87 -6.72 8.87
C SER A 47 -9.13 -5.34 8.29
N PRO A 48 -8.69 -4.24 8.92
CA PRO A 48 -8.91 -2.90 8.34
C PRO A 48 -7.91 -2.59 7.22
N LEU A 49 -8.29 -1.63 6.37
CA LEU A 49 -7.36 -1.08 5.39
C LEU A 49 -7.55 0.43 5.32
N HIS A 50 -6.48 1.10 4.91
CA HIS A 50 -6.44 2.54 4.72
C HIS A 50 -5.61 2.79 3.48
N GLY A 51 -5.98 3.80 2.68
CA GLY A 51 -5.19 4.20 1.54
C GLY A 51 -5.70 5.48 0.86
N THR A 52 -5.19 5.73 -0.35
CA THR A 52 -5.55 6.94 -1.08
C THR A 52 -5.75 6.59 -2.55
N GLN A 53 -6.62 7.38 -3.17
CA GLN A 53 -6.80 7.42 -4.59
C GLN A 53 -6.11 8.70 -5.07
N ASN A 54 -5.42 8.59 -6.21
CA ASN A 54 -4.79 9.73 -6.83
C ASN A 54 -5.87 10.60 -7.46
N THR A 55 -5.87 11.92 -7.17
CA THR A 55 -6.85 12.79 -7.80
C THR A 55 -6.21 13.80 -8.76
N ILE A 56 -4.92 13.66 -9.07
CA ILE A 56 -4.31 14.53 -10.08
C ILE A 56 -5.05 14.37 -11.41
N ASN A 57 -5.43 15.52 -12.00
CA ASN A 57 -6.11 15.56 -13.29
C ASN A 57 -7.51 14.96 -13.18
N LYS A 58 -7.94 14.59 -11.96
CA LYS A 58 -9.27 14.05 -11.71
C LYS A 58 -9.64 12.97 -12.75
N ARG A 59 -8.78 11.97 -12.97
CA ARG A 59 -9.01 10.98 -14.02
C ARG A 59 -10.29 10.18 -13.71
N THR A 60 -11.00 9.75 -14.76
CA THR A 60 -12.22 8.97 -14.56
C THR A 60 -11.87 7.56 -14.06
N GLN A 61 -10.63 7.11 -14.31
CA GLN A 61 -10.15 5.78 -13.97
C GLN A 61 -8.89 5.89 -13.13
N PRO A 62 -8.99 6.26 -11.83
CA PRO A 62 -7.82 6.66 -11.04
C PRO A 62 -6.98 5.49 -10.52
N THR A 63 -5.67 5.71 -10.38
CA THR A 63 -4.79 4.81 -9.64
C THR A 63 -5.03 5.04 -8.16
N PHE A 64 -4.70 4.03 -7.36
CA PHE A 64 -4.84 4.10 -5.91
C PHE A 64 -3.89 3.08 -5.30
N GLY A 65 -3.76 3.17 -3.98
CA GLY A 65 -3.00 2.23 -3.17
C GLY A 65 -3.66 2.10 -1.79
N PHE A 66 -3.49 0.92 -1.15
CA PHE A 66 -3.92 0.79 0.23
C PHE A 66 -3.10 -0.25 0.99
N THR A 67 -3.13 -0.12 2.31
CA THR A 67 -2.40 -1.05 3.15
C THR A 67 -3.43 -1.85 3.96
N VAL A 68 -3.28 -3.18 3.98
CA VAL A 68 -4.08 -4.03 4.84
C VAL A 68 -3.26 -4.43 6.06
N ASN A 69 -3.81 -4.07 7.22
CA ASN A 69 -3.18 -4.30 8.50
C ASN A 69 -3.77 -5.55 9.14
N TRP A 70 -3.24 -6.73 8.76
CA TRP A 70 -3.84 -8.02 9.11
C TRP A 70 -3.94 -8.13 10.63
N LYS A 71 -5.12 -8.54 11.11
CA LYS A 71 -5.36 -8.63 12.54
C LYS A 71 -5.05 -10.02 13.10
N PHE A 72 -4.72 -10.99 12.24
CA PHE A 72 -4.58 -12.39 12.67
C PHE A 72 -3.17 -12.91 12.35
N SER A 73 -2.27 -11.97 12.01
CA SER A 73 -0.86 -12.27 11.81
C SER A 73 -0.04 -10.99 11.94
N GLU A 74 1.28 -11.15 11.90
CA GLU A 74 2.22 -10.08 12.04
C GLU A 74 2.54 -9.44 10.69
N SER A 75 1.85 -9.90 9.62
CA SER A 75 2.19 -9.52 8.25
C SER A 75 1.46 -8.24 7.86
N THR A 76 1.87 -7.67 6.72
CA THR A 76 1.18 -6.52 6.17
C THR A 76 1.14 -6.78 4.65
N THR A 77 0.02 -6.41 4.01
CA THR A 77 -0.05 -6.45 2.56
C THR A 77 -0.34 -5.03 2.07
N VAL A 78 0.30 -4.62 0.95
CA VAL A 78 -0.08 -3.39 0.28
C VAL A 78 -0.65 -3.78 -1.07
N PHE A 79 -1.67 -3.03 -1.54
CA PHE A 79 -2.21 -3.23 -2.89
C PHE A 79 -2.11 -1.93 -3.66
N THR A 80 -1.87 -2.05 -4.97
CA THR A 80 -1.88 -0.85 -5.81
C THR A 80 -2.49 -1.17 -7.17
N GLY A 81 -3.30 -0.27 -7.73
CA GLY A 81 -3.83 -0.56 -9.06
C GLY A 81 -4.61 0.61 -9.64
N GLN A 82 -5.57 0.30 -10.51
CA GLN A 82 -6.38 1.30 -11.19
C GLN A 82 -7.84 0.85 -11.27
N CYS A 83 -8.75 1.81 -11.15
CA CYS A 83 -10.19 1.60 -11.20
C CYS A 83 -10.59 1.84 -12.65
N PHE A 84 -10.77 0.76 -13.42
CA PHE A 84 -11.11 0.89 -14.83
C PHE A 84 -12.61 0.70 -15.06
N ILE A 85 -13.11 1.34 -16.11
CA ILE A 85 -14.31 0.82 -16.74
C ILE A 85 -13.85 -0.22 -17.76
N ASP A 86 -14.33 -1.47 -17.65
CA ASP A 86 -13.91 -2.54 -18.53
C ASP A 86 -14.59 -2.43 -19.91
N ARG A 87 -14.24 -3.37 -20.82
CA ARG A 87 -14.78 -3.37 -22.16
C ARG A 87 -16.31 -3.49 -22.12
N ASN A 88 -16.83 -4.22 -21.14
CA ASN A 88 -18.25 -4.54 -21.04
C ASN A 88 -19.01 -3.49 -20.22
N GLY A 89 -18.31 -2.40 -19.82
CA GLY A 89 -18.88 -1.25 -19.15
C GLY A 89 -18.97 -1.36 -17.62
N LYS A 90 -18.53 -2.50 -17.07
CA LYS A 90 -18.43 -2.70 -15.62
C LYS A 90 -17.18 -2.00 -15.05
N GLU A 91 -17.28 -1.59 -13.78
CA GLU A 91 -16.13 -1.24 -12.97
C GLU A 91 -15.33 -2.49 -12.61
N VAL A 92 -13.99 -2.34 -12.68
CA VAL A 92 -13.07 -3.38 -12.29
C VAL A 92 -11.84 -2.73 -11.64
N LEU A 93 -11.38 -3.31 -10.52
CA LEU A 93 -10.08 -2.92 -10.00
C LEU A 93 -9.03 -3.93 -10.46
N LYS A 94 -8.00 -3.43 -11.14
CA LYS A 94 -6.88 -4.28 -11.54
C LYS A 94 -5.77 -3.93 -10.57
N THR A 95 -5.37 -4.87 -9.69
CA THR A 95 -4.40 -4.56 -8.64
C THR A 95 -3.27 -5.57 -8.66
N MET A 96 -2.14 -5.16 -8.07
CA MET A 96 -1.07 -6.06 -7.70
C MET A 96 -0.73 -5.82 -6.23
N TRP A 97 -0.16 -6.81 -5.55
CA TRP A 97 0.10 -6.68 -4.12
C TRP A 97 1.48 -7.22 -3.75
N LEU A 98 2.01 -6.71 -2.61
CA LEU A 98 3.13 -7.30 -1.90
C LEU A 98 2.68 -7.70 -0.50
N LEU A 99 2.87 -8.98 -0.19
CA LEU A 99 2.64 -9.52 1.15
C LEU A 99 3.97 -9.66 1.88
N ARG A 100 4.14 -8.83 2.91
CA ARG A 100 5.34 -8.81 3.72
C ARG A 100 5.12 -9.66 4.99
N SER A 101 5.92 -10.73 5.08
CA SER A 101 6.06 -11.52 6.28
C SER A 101 7.03 -10.85 7.25
N SER A 102 6.77 -11.07 8.54
CA SER A 102 7.69 -10.76 9.62
C SER A 102 8.80 -11.80 9.67
N VAL A 103 10.08 -11.38 9.70
CA VAL A 103 11.14 -12.35 9.97
C VAL A 103 11.79 -11.97 11.29
N ASN A 104 12.51 -12.94 11.87
CA ASN A 104 13.16 -12.74 13.16
C ASN A 104 14.56 -12.17 12.94
N ASP A 105 15.17 -12.55 11.83
CA ASP A 105 16.53 -12.09 11.59
C ASP A 105 16.56 -11.27 10.29
N ILE A 106 17.34 -10.17 10.29
CA ILE A 106 17.49 -9.32 9.12
C ILE A 106 18.10 -10.11 7.97
N GLY A 107 18.74 -11.25 8.29
CA GLY A 107 19.41 -12.08 7.30
C GLY A 107 18.41 -12.91 6.49
N ASP A 108 17.18 -12.99 6.99
CA ASP A 108 16.08 -13.64 6.28
C ASP A 108 15.22 -12.65 5.49
N ASP A 109 15.51 -11.35 5.58
CA ASP A 109 14.75 -10.30 4.93
C ASP A 109 14.46 -10.62 3.46
N TRP A 110 15.44 -11.22 2.75
CA TRP A 110 15.39 -11.48 1.31
C TRP A 110 14.15 -12.31 0.94
N LYS A 111 13.65 -13.16 1.82
CA LYS A 111 12.58 -14.07 1.40
C LYS A 111 11.24 -13.71 2.04
N ALA A 112 11.15 -12.49 2.58
CA ALA A 112 9.99 -12.06 3.34
C ALA A 112 8.90 -11.38 2.50
N THR A 113 9.03 -11.30 1.15
CA THR A 113 8.05 -10.57 0.34
C THR A 113 7.48 -11.44 -0.79
N ARG A 114 6.16 -11.66 -0.77
CA ARG A 114 5.52 -12.36 -1.87
C ARG A 114 4.78 -11.35 -2.74
N VAL A 115 4.46 -11.73 -3.97
CA VAL A 115 3.87 -10.81 -4.94
C VAL A 115 2.77 -11.54 -5.71
N GLY A 116 1.74 -10.80 -6.15
CA GLY A 116 0.69 -11.37 -6.99
C GLY A 116 -0.30 -10.30 -7.46
N ILE A 117 -1.40 -10.74 -8.10
CA ILE A 117 -2.44 -9.87 -8.60
C ILE A 117 -3.74 -10.16 -7.84
N ASN A 118 -4.68 -9.21 -7.95
CA ASN A 118 -6.08 -9.45 -7.62
C ASN A 118 -6.95 -8.54 -8.47
N ILE A 119 -8.04 -9.13 -8.95
CA ILE A 119 -9.03 -8.46 -9.77
C ILE A 119 -10.33 -8.42 -8.97
N PHE A 120 -10.81 -7.20 -8.73
CA PHE A 120 -12.00 -6.98 -7.94
C PHE A 120 -13.12 -6.51 -8.84
N THR A 121 -14.30 -7.08 -8.58
CA THR A 121 -15.53 -6.63 -9.20
C THR A 121 -16.55 -6.33 -8.09
N ARG A 122 -17.54 -5.51 -8.40
CA ARG A 122 -18.51 -5.08 -7.36
C ARG A 122 -19.44 -6.23 -6.96
N LEU A 123 -19.59 -6.39 -5.64
CA LEU A 123 -20.48 -7.43 -5.16
C LEU A 123 -21.71 -6.70 -4.62
N ARG A 124 -22.90 -7.00 -5.15
CA ARG A 124 -24.11 -6.28 -4.70
C ARG A 124 -24.93 -7.14 -3.74
N LYS B 3 12.81 -1.35 20.61
CA LYS B 3 11.58 -1.31 19.71
C LYS B 3 11.80 -0.43 18.48
N CYS B 4 12.01 -1.02 17.29
CA CYS B 4 12.18 -0.26 16.06
C CYS B 4 10.92 0.55 15.75
N SER B 5 11.09 1.86 15.60
CA SER B 5 9.96 2.79 15.50
C SER B 5 10.01 3.57 14.18
N LEU B 6 8.86 3.86 13.58
CA LEU B 6 8.82 4.45 12.23
C LEU B 6 8.88 5.98 12.28
N THR B 7 8.55 6.56 13.45
CA THR B 7 8.51 8.00 13.64
C THR B 7 9.90 8.59 13.46
N GLY B 8 9.98 9.72 12.76
CA GLY B 8 11.24 10.40 12.53
C GLY B 8 11.48 10.75 11.06
N LYS B 9 12.75 11.05 10.75
CA LYS B 9 13.17 11.50 9.44
C LYS B 9 14.10 10.46 8.87
N TRP B 10 13.91 10.14 7.58
CA TRP B 10 14.54 8.98 6.97
C TRP B 10 15.11 9.39 5.62
N THR B 11 16.11 8.64 5.17
CA THR B 11 16.60 8.87 3.83
C THR B 11 16.91 7.51 3.22
N ASN B 12 16.83 7.40 1.88
CA ASN B 12 16.98 6.10 1.26
C ASN B 12 18.21 6.10 0.36
N ASP B 13 18.41 4.94 -0.27
CA ASP B 13 19.58 4.61 -1.05
C ASP B 13 19.60 5.44 -2.33
N LEU B 14 18.45 6.03 -2.69
CA LEU B 14 18.37 6.86 -3.87
C LEU B 14 18.46 8.34 -3.49
N GLY B 15 18.59 8.64 -2.20
CA GLY B 15 18.65 10.04 -1.80
C GLY B 15 17.28 10.73 -1.61
N SER B 16 16.16 9.99 -1.68
CA SER B 16 14.86 10.53 -1.32
C SER B 16 14.74 10.65 0.20
N ASN B 17 13.98 11.64 0.69
CA ASN B 17 13.70 11.74 2.12
C ASN B 17 12.25 11.46 2.42
N MET B 18 11.99 11.13 3.69
CA MET B 18 10.66 10.81 4.15
C MET B 18 10.59 11.18 5.63
N THR B 19 9.59 11.95 6.02
CA THR B 19 9.35 12.11 7.45
C THR B 19 7.97 11.55 7.81
N ILE B 20 7.91 10.81 8.93
CA ILE B 20 6.71 10.13 9.40
C ILE B 20 6.38 10.63 10.80
N GLY B 21 5.09 10.92 11.05
CA GLY B 21 4.67 11.44 12.33
C GLY B 21 4.52 10.34 13.37
N ALA B 22 3.72 10.62 14.42
CA ALA B 22 3.49 9.68 15.50
C ALA B 22 2.67 8.52 14.94
N VAL B 23 2.85 7.34 15.54
CA VAL B 23 2.04 6.19 15.23
C VAL B 23 0.99 6.06 16.34
N ASN B 24 -0.29 6.03 15.96
CA ASN B 24 -1.38 6.00 16.93
C ASN B 24 -1.59 4.57 17.44
N SER B 25 -2.59 4.36 18.30
CA SER B 25 -2.87 3.07 18.92
C SER B 25 -3.34 2.02 17.90
N ARG B 26 -3.94 2.46 16.80
CA ARG B 26 -4.36 1.55 15.74
C ARG B 26 -3.21 1.29 14.77
N GLY B 27 -2.03 1.87 15.03
CA GLY B 27 -0.83 1.66 14.24
C GLY B 27 -0.73 2.58 13.02
N GLU B 28 -1.61 3.57 12.92
CA GLU B 28 -1.71 4.41 11.72
C GLU B 28 -0.75 5.59 11.84
N PHE B 29 -0.22 6.07 10.70
CA PHE B 29 0.73 7.19 10.66
C PHE B 29 0.58 7.91 9.33
N THR B 30 0.96 9.19 9.32
CA THR B 30 0.98 9.95 8.08
C THR B 30 2.36 10.58 7.95
N GLY B 31 2.71 10.99 6.73
CA GLY B 31 4.03 11.56 6.54
C GLY B 31 4.12 12.32 5.23
N THR B 32 5.37 12.63 4.85
CA THR B 32 5.61 13.36 3.59
C THR B 32 6.82 12.71 2.90
N TYR B 33 6.74 12.50 1.59
CA TYR B 33 7.79 11.85 0.83
C TYR B 33 8.39 12.91 -0.11
N THR B 34 9.73 12.94 -0.17
CA THR B 34 10.52 13.99 -0.79
C THR B 34 11.53 13.38 -1.76
N THR B 35 11.34 13.68 -3.04
CA THR B 35 12.17 13.22 -4.15
C THR B 35 12.65 14.43 -4.94
N ALA B 36 13.73 14.28 -5.71
CA ALA B 36 14.22 15.38 -6.54
C ALA B 36 14.20 14.91 -8.00
N VAL B 37 14.07 15.84 -8.96
CA VAL B 37 13.69 15.49 -10.34
C VAL B 37 14.86 14.83 -11.07
N ASN B 42 14.17 20.97 -12.45
CA ASN B 42 13.41 21.49 -11.28
C ASN B 42 14.25 21.28 -10.01
N GLU B 43 13.60 21.07 -8.84
CA GLU B 43 14.29 20.72 -7.59
C GLU B 43 13.55 19.61 -6.82
N ILE B 44 12.87 19.95 -5.71
CA ILE B 44 12.30 18.96 -4.80
C ILE B 44 10.77 18.98 -4.80
N LYS B 45 10.14 17.79 -4.68
CA LYS B 45 8.69 17.59 -4.70
C LYS B 45 8.20 16.98 -3.38
N GLU B 46 6.99 17.32 -2.98
CA GLU B 46 6.60 16.77 -1.70
C GLU B 46 5.23 16.15 -1.89
N SER B 47 5.04 14.90 -1.44
CA SER B 47 3.74 14.23 -1.60
C SER B 47 3.36 13.62 -0.27
N PRO B 48 2.06 13.56 0.12
CA PRO B 48 1.71 12.90 1.37
C PRO B 48 1.84 11.37 1.27
N LEU B 49 2.01 10.73 2.44
CA LEU B 49 1.93 9.28 2.55
C LEU B 49 1.10 8.90 3.78
N HIS B 50 0.46 7.74 3.72
CA HIS B 50 -0.35 7.24 4.83
C HIS B 50 -0.15 5.74 4.89
N GLY B 51 0.00 5.21 6.10
CA GLY B 51 0.06 3.77 6.23
C GLY B 51 -0.19 3.28 7.65
N THR B 52 0.13 2.00 7.87
CA THR B 52 0.02 1.41 9.20
C THR B 52 1.23 0.51 9.44
N GLN B 53 1.59 0.40 10.71
CA GLN B 53 2.48 -0.67 11.14
C GLN B 53 1.63 -1.75 11.82
N ASN B 54 2.06 -3.01 11.71
CA ASN B 54 1.38 -4.14 12.32
C ASN B 54 1.69 -4.19 13.83
N THR B 55 0.64 -4.36 14.65
CA THR B 55 0.81 -4.32 16.10
C THR B 55 0.57 -5.68 16.76
N ILE B 56 0.19 -6.68 15.98
CA ILE B 56 0.00 -8.03 16.50
C ILE B 56 1.28 -8.54 17.16
N ASN B 57 1.17 -8.96 18.42
CA ASN B 57 2.29 -9.49 19.19
C ASN B 57 3.24 -8.35 19.57
N LYS B 58 2.87 -7.11 19.24
CA LYS B 58 3.65 -5.92 19.60
C LYS B 58 5.15 -6.17 19.35
N ARG B 59 5.51 -6.69 18.17
CA ARG B 59 6.89 -7.06 17.85
C ARG B 59 7.80 -5.84 17.97
N THR B 60 9.03 -6.04 18.44
CA THR B 60 10.01 -4.95 18.46
C THR B 60 10.43 -4.55 17.04
N GLN B 61 10.32 -5.48 16.06
CA GLN B 61 10.69 -5.22 14.68
C GLN B 61 9.47 -5.42 13.78
N PRO B 62 8.50 -4.47 13.76
CA PRO B 62 7.24 -4.71 13.08
C PRO B 62 7.28 -4.54 11.56
N THR B 63 6.43 -5.30 10.86
CA THR B 63 6.12 -5.06 9.46
C THR B 63 5.22 -3.82 9.38
N PHE B 64 5.13 -3.25 8.17
CA PHE B 64 4.34 -2.05 7.96
C PHE B 64 4.05 -1.88 6.46
N GLY B 65 3.15 -0.93 6.17
CA GLY B 65 2.91 -0.57 4.78
C GLY B 65 2.54 0.89 4.66
N PHE B 66 2.81 1.50 3.50
CA PHE B 66 2.26 2.82 3.27
C PHE B 66 2.10 3.09 1.78
N THR B 67 1.23 4.07 1.49
CA THR B 67 0.91 4.51 0.15
C THR B 67 1.44 5.93 -0.04
N VAL B 68 2.17 6.17 -1.14
CA VAL B 68 2.49 7.54 -1.48
C VAL B 68 1.55 8.08 -2.56
N ASN B 69 0.85 9.17 -2.25
CA ASN B 69 -0.09 9.79 -3.16
C ASN B 69 0.64 10.89 -3.92
N TRP B 70 1.33 10.54 -5.01
CA TRP B 70 2.18 11.51 -5.69
C TRP B 70 1.35 12.75 -6.07
N LYS B 71 1.89 13.93 -5.78
CA LYS B 71 1.16 15.16 -6.11
C LYS B 71 1.58 15.74 -7.45
N PHE B 72 2.53 15.12 -8.15
CA PHE B 72 3.02 15.72 -9.38
C PHE B 72 2.75 14.79 -10.57
N SER B 73 2.05 13.68 -10.32
CA SER B 73 1.65 12.79 -11.40
C SER B 73 0.41 12.02 -11.00
N GLU B 74 -0.09 11.21 -11.93
CA GLU B 74 -1.32 10.45 -11.77
C GLU B 74 -1.03 9.10 -11.11
N SER B 75 0.22 8.86 -10.70
CA SER B 75 0.67 7.52 -10.29
C SER B 75 0.49 7.32 -8.80
N THR B 76 0.55 6.06 -8.36
CA THR B 76 0.55 5.79 -6.93
C THR B 76 1.64 4.75 -6.66
N THR B 77 2.34 4.87 -5.53
CA THR B 77 3.29 3.85 -5.10
C THR B 77 2.89 3.35 -3.72
N VAL B 78 2.98 2.02 -3.53
CA VAL B 78 2.87 1.46 -2.19
C VAL B 78 4.21 0.85 -1.80
N PHE B 79 4.57 1.02 -0.50
CA PHE B 79 5.78 0.41 0.05
C PHE B 79 5.38 -0.52 1.20
N THR B 80 6.05 -1.68 1.29
CA THR B 80 5.86 -2.52 2.47
C THR B 80 7.21 -3.07 2.95
N GLY B 81 7.34 -3.36 4.24
CA GLY B 81 8.59 -3.93 4.73
C GLY B 81 8.60 -4.04 6.26
N GLN B 82 9.80 -4.03 6.84
CA GLN B 82 10.01 -4.34 8.24
C GLN B 82 11.05 -3.37 8.81
N CYS B 83 10.77 -2.88 10.02
CA CYS B 83 11.59 -1.96 10.78
C CYS B 83 12.57 -2.78 11.62
N PHE B 84 13.84 -2.86 11.19
CA PHE B 84 14.83 -3.63 11.93
C PHE B 84 15.64 -2.75 12.87
N ILE B 85 16.09 -3.37 13.98
CA ILE B 85 16.93 -2.71 14.98
C ILE B 85 18.14 -3.63 15.20
N ASP B 86 19.34 -3.17 14.82
CA ASP B 86 20.56 -3.98 14.85
C ASP B 86 21.25 -3.91 16.22
N GLY B 89 22.18 -1.48 16.34
CA GLY B 89 21.50 -0.54 17.25
C GLY B 89 20.90 0.60 16.45
N LYS B 90 21.44 0.78 15.22
CA LYS B 90 20.83 1.58 14.17
C LYS B 90 19.49 0.95 13.76
N GLU B 91 18.49 1.80 13.44
CA GLU B 91 17.25 1.35 12.81
C GLU B 91 17.40 1.37 11.29
N VAL B 92 16.94 0.31 10.62
CA VAL B 92 16.90 0.26 9.15
C VAL B 92 15.52 -0.23 8.68
N LEU B 93 14.94 0.48 7.71
CA LEU B 93 13.73 0.00 7.06
C LEU B 93 14.12 -0.73 5.78
N LYS B 94 13.80 -2.02 5.73
CA LYS B 94 13.94 -2.79 4.52
C LYS B 94 12.56 -2.79 3.85
N THR B 95 12.45 -2.26 2.62
CA THR B 95 11.15 -2.20 1.95
C THR B 95 11.21 -2.66 0.51
N MET B 96 10.04 -3.11 0.03
CA MET B 96 9.78 -3.24 -1.38
C MET B 96 8.56 -2.37 -1.73
N TRP B 97 8.48 -1.95 -2.99
CA TRP B 97 7.48 -1.03 -3.47
C TRP B 97 6.88 -1.51 -4.80
N LEU B 98 5.64 -1.08 -5.06
CA LEU B 98 5.06 -1.22 -6.39
C LEU B 98 4.66 0.17 -6.84
N LEU B 99 5.10 0.60 -8.04
CA LEU B 99 4.75 1.89 -8.62
C LEU B 99 3.72 1.67 -9.72
N ARG B 100 2.46 2.11 -9.47
CA ARG B 100 1.39 1.91 -10.44
C ARG B 100 1.28 3.18 -11.27
N SER B 101 1.53 3.04 -12.58
CA SER B 101 1.30 4.08 -13.56
C SER B 101 -0.17 4.08 -13.98
N SER B 102 -0.65 5.25 -14.39
CA SER B 102 -1.97 5.36 -15.00
C SER B 102 -1.91 4.95 -16.47
N VAL B 103 -2.76 4.01 -16.89
CA VAL B 103 -2.93 3.84 -18.34
C VAL B 103 -4.33 4.27 -18.78
N ASN B 104 -4.47 4.50 -20.08
CA ASN B 104 -5.73 5.02 -20.58
C ASN B 104 -6.69 3.89 -20.90
N ASP B 105 -6.13 2.77 -21.35
CA ASP B 105 -6.92 1.69 -21.90
C ASP B 105 -6.58 0.46 -21.07
N ILE B 106 -7.61 -0.26 -20.61
CA ILE B 106 -7.43 -1.46 -19.79
C ILE B 106 -6.53 -2.47 -20.52
N GLY B 107 -6.49 -2.40 -21.85
CA GLY B 107 -5.66 -3.29 -22.66
C GLY B 107 -4.16 -3.08 -22.39
N ASP B 108 -3.81 -1.94 -21.76
CA ASP B 108 -2.44 -1.62 -21.40
C ASP B 108 -2.10 -1.92 -19.94
N ASP B 109 -3.08 -2.43 -19.18
CA ASP B 109 -2.92 -2.65 -17.76
C ASP B 109 -1.67 -3.47 -17.46
N TRP B 110 -1.38 -4.48 -18.31
CA TRP B 110 -0.31 -5.44 -18.08
C TRP B 110 1.02 -4.70 -17.83
N LYS B 111 1.21 -3.50 -18.41
CA LYS B 111 2.53 -2.89 -18.29
C LYS B 111 2.57 -1.70 -17.31
N ALA B 112 1.53 -1.58 -16.45
CA ALA B 112 1.39 -0.37 -15.67
C ALA B 112 2.05 -0.49 -14.30
N THR B 113 2.61 -1.67 -13.97
CA THR B 113 3.18 -1.85 -12.62
C THR B 113 4.69 -2.11 -12.61
N ARG B 114 5.45 -1.23 -11.94
CA ARG B 114 6.86 -1.45 -11.68
C ARG B 114 7.10 -1.86 -10.23
N VAL B 115 8.24 -2.53 -10.02
CA VAL B 115 8.61 -3.06 -8.72
C VAL B 115 10.09 -2.76 -8.43
N GLY B 116 10.40 -2.53 -7.14
CA GLY B 116 11.77 -2.36 -6.69
C GLY B 116 11.88 -2.41 -5.16
N ILE B 117 13.06 -2.02 -4.66
CA ILE B 117 13.37 -1.99 -3.24
C ILE B 117 13.79 -0.57 -2.87
N ASN B 118 13.66 -0.23 -1.57
CA ASN B 118 14.29 0.92 -0.97
C ASN B 118 14.67 0.55 0.46
N ILE B 119 15.83 1.05 0.89
CA ILE B 119 16.34 0.89 2.23
C ILE B 119 16.49 2.29 2.84
N PHE B 120 15.86 2.48 4.01
CA PHE B 120 15.78 3.76 4.66
C PHE B 120 16.58 3.67 5.96
N THR B 121 17.32 4.75 6.26
CA THR B 121 17.99 4.93 7.53
C THR B 121 17.67 6.33 8.05
N ARG B 122 17.96 6.57 9.33
CA ARG B 122 17.60 7.82 9.98
C ARG B 122 18.47 8.95 9.42
N LEU B 123 17.81 10.07 9.09
CA LEU B 123 18.48 11.23 8.54
C LEU B 123 18.73 12.21 9.69
#